data_8DK6
#
_entry.id   8DK6
#
_cell.length_a   48.970
_cell.length_b   125.540
_cell.length_c   157.320
_cell.angle_alpha   90.000
_cell.angle_beta   90.000
_cell.angle_gamma   90.000
#
_symmetry.space_group_name_H-M   'P 2 21 21'
#
loop_
_entity.id
_entity.type
_entity.pdbx_description
1 polymer 'Envelope glycoprotein E2'
2 polymer '2A12 Fab Heavy chain'
3 polymer '2A12 Fab light chain'
4 branched 2-acetamido-2-deoxy-beta-D-glucopyranose-(1-4)-2-acetamido-2-deoxy-beta-D-glucopyranose
5 water water
#
loop_
_entity_poly.entity_id
_entity_poly.type
_entity_poly.pdbx_seq_one_letter_code
_entity_poly.pdbx_strand_id
1 'polypeptide(L)'
;MSACRSIEAFRVGWGALQYEDNVTNPEDMRPYCWHYPPRQCGVVSAKTVCGPVYCFTPSPVVVGTTDRLGAPTYTWGENE
TDVFLLNSTRPPLGSWFGCTWMNSSGYTKTCGAPPCRTRADFNASTDLLCPTDCFRKHPDTTYLKCGSGPWLTPRCLIDY
PYRLWHYPCTVNYTIFKIRMYVGGVEHRLTAACNFTRGDRCNLEDRDRSQLSPLLHSTTEWAILPCSYSDLPALSTGLLH
LHQNIVDVQFMYGLSPAL
;
E
2 'polypeptide(L)'
;EVQLQQSGAELVKPGASVKLSCTASGFNIKDTYIHWVNQRPEQGLEWIGRIDPANGHTQYDPKFQGKATITADTSSNTAY
LQLSSLTSEDTAVYYCATSDYSYALDSWGQGTSVTVSSAKTTAPSVYPLAPVCGDTTGSSVTLGCLVKGYFPEPVTLTWN
SGSLSSGVHTFPAVLQSDLYTLSSSVTVTSSTWPSQSITCNVAHPASSTKVDKKIEPRGPT
;
H
3 'polypeptide(L)'
;DIVMTQSPSSLAMSVGQKVTMSCKSSQSLLNSNNQKNYLAWYQQKPGQSPKLLVYFASTRESGVPDRFIGSGSGTDFTLT
ISSVQAEDLADYFCQQHYSTPYTFGGGTKLEIRRADAAPTVSIFPPSSEQLTSGGASVVCFLNNFYPKDINVKWKIDGSE
RQNGVLNSWTDQDSKDSTYSMSSTLTLTKDEYERHNSYTCEATHKTSTSPIVKSFNRNEC
;
L
#
loop_
_chem_comp.id
_chem_comp.type
_chem_comp.name
_chem_comp.formula
NAG D-saccharide, beta linking 2-acetamido-2-deoxy-beta-D-glucopyranose 'C8 H15 N O6'
#
# COMPACT_ATOMS: atom_id res chain seq x y z
N TYR A 36 26.75 -13.10 29.59
CA TYR A 36 26.04 -12.29 30.58
C TYR A 36 26.59 -10.87 30.62
N PRO A 37 25.76 -9.92 31.06
CA PRO A 37 26.24 -8.55 31.26
C PRO A 37 26.72 -8.35 32.69
N PRO A 38 27.89 -7.72 32.88
CA PRO A 38 28.41 -7.56 34.25
C PRO A 38 27.48 -6.80 35.17
N ARG A 39 26.91 -5.69 34.71
CA ARG A 39 26.07 -4.87 35.57
C ARG A 39 25.08 -4.08 34.72
N GLN A 40 24.08 -3.52 35.38
CA GLN A 40 23.10 -2.70 34.70
C GLN A 40 23.73 -1.43 34.17
N CYS A 41 23.07 -0.82 33.19
CA CYS A 41 23.62 0.35 32.52
C CYS A 41 23.50 1.58 33.42
N GLY A 42 24.61 2.32 33.54
CA GLY A 42 24.67 3.55 34.29
C GLY A 42 25.20 4.67 33.43
N VAL A 43 25.80 5.66 34.09
CA VAL A 43 26.36 6.83 33.42
C VAL A 43 27.83 6.56 33.10
N VAL A 44 28.20 6.75 31.84
CA VAL A 44 29.57 6.49 31.37
C VAL A 44 30.14 7.79 30.84
N SER A 45 31.08 8.38 31.58
CA SER A 45 31.69 9.61 31.12
C SER A 45 32.44 9.39 29.82
N ALA A 46 32.40 10.40 28.95
CA ALA A 46 32.72 10.19 27.54
C ALA A 46 34.15 9.70 27.30
N LYS A 47 35.10 10.11 28.14
CA LYS A 47 36.50 9.84 27.82
C LYS A 47 36.98 8.47 28.25
N THR A 48 36.23 7.74 29.06
CA THR A 48 36.55 6.32 29.25
C THR A 48 36.07 5.47 28.07
N VAL A 49 35.38 6.07 27.12
CA VAL A 49 34.87 5.40 25.94
C VAL A 49 35.75 5.75 24.75
N CYS A 50 36.07 4.74 23.93
CA CYS A 50 36.77 4.96 22.67
C CYS A 50 35.96 4.28 21.57
N GLY A 51 35.45 5.08 20.64
CA GLY A 51 34.59 4.57 19.60
C GLY A 51 33.12 4.80 19.93
N PRO A 52 32.23 4.29 19.08
CA PRO A 52 30.81 4.51 19.30
C PRO A 52 30.26 3.64 20.43
N VAL A 53 29.22 4.15 21.08
CA VAL A 53 28.48 3.41 22.10
C VAL A 53 27.21 2.91 21.45
N TYR A 54 27.14 1.61 21.20
CA TYR A 54 25.98 0.98 20.60
C TYR A 54 25.09 0.41 21.69
N CYS A 55 23.85 0.87 21.75
CA CYS A 55 22.84 0.30 22.62
C CYS A 55 21.82 -0.45 21.79
N PHE A 56 21.09 -1.36 22.44
CA PHE A 56 20.26 -2.31 21.70
C PHE A 56 18.82 -2.27 22.20
N THR A 57 18.10 -1.24 21.77
CA THR A 57 16.77 -1.51 21.23
C THR A 57 16.98 -2.55 20.15
N PRO A 58 15.99 -3.42 19.89
CA PRO A 58 16.22 -4.50 18.91
C PRO A 58 17.05 -4.05 17.73
N SER A 59 16.75 -2.87 17.19
CA SER A 59 17.56 -2.25 16.16
C SER A 59 18.76 -1.55 16.79
N PRO A 60 19.98 -1.81 16.32
CA PRO A 60 21.15 -1.15 16.90
C PRO A 60 21.07 0.37 16.78
N VAL A 61 21.56 1.05 17.80
CA VAL A 61 21.47 2.50 17.89
C VAL A 61 22.76 3.04 18.49
N VAL A 62 23.21 4.20 17.99
CA VAL A 62 24.38 4.89 18.52
C VAL A 62 23.89 6.01 19.44
N VAL A 63 24.50 6.12 20.62
CA VAL A 63 24.06 7.03 21.65
C VAL A 63 24.98 8.23 21.71
N GLY A 64 24.40 9.44 21.68
CA GLY A 64 25.18 10.65 21.84
C GLY A 64 25.42 10.99 23.30
N THR A 65 26.33 11.94 23.52
CA THR A 65 26.70 12.35 24.86
C THR A 65 25.72 13.40 25.40
N THR A 66 25.96 13.81 26.63
CA THR A 66 25.09 14.75 27.32
C THR A 66 25.94 15.61 28.25
N ASP A 67 25.64 16.91 28.28
CA ASP A 67 26.40 17.85 29.10
C ASP A 67 25.70 18.06 30.44
N ARG A 68 26.18 19.05 31.20
CA ARG A 68 25.63 19.28 32.53
C ARG A 68 24.17 19.67 32.48
N LEU A 69 23.77 20.42 31.45
CA LEU A 69 22.37 20.82 31.29
C LEU A 69 21.46 19.62 31.04
N GLY A 70 22.02 18.47 30.68
CA GLY A 70 21.21 17.30 30.40
C GLY A 70 21.25 16.25 31.48
N ALA A 71 22.08 16.45 32.50
CA ALA A 71 22.18 15.52 33.63
C ALA A 71 22.46 16.30 34.90
N PRO A 72 21.44 17.00 35.43
CA PRO A 72 21.67 17.82 36.63
C PRO A 72 21.98 16.99 37.87
N THR A 73 21.45 15.78 37.97
CA THR A 73 21.61 14.97 39.18
C THR A 73 22.88 14.11 39.17
N TYR A 74 23.58 14.04 38.04
CA TYR A 74 24.85 13.35 38.00
C TYR A 74 25.91 14.18 38.73
N THR A 75 26.65 13.54 39.63
CA THR A 75 27.69 14.23 40.40
C THR A 75 28.88 14.49 39.48
N TRP A 76 28.80 15.60 38.75
CA TRP A 76 29.81 15.94 37.76
C TRP A 76 31.15 16.24 38.43
N GLY A 77 32.22 16.04 37.67
CA GLY A 77 33.54 16.49 38.08
C GLY A 77 34.05 17.56 37.13
N GLU A 78 34.97 18.40 37.59
CA GLU A 78 35.49 19.45 36.71
C GLU A 78 36.32 18.89 35.57
N ASN A 79 36.74 17.62 35.64
CA ASN A 79 37.36 16.98 34.50
C ASN A 79 36.35 16.73 33.38
N GLU A 80 35.11 16.46 33.73
CA GLU A 80 34.11 15.98 32.78
C GLU A 80 33.35 17.12 32.13
N THR A 81 32.98 16.90 30.88
CA THR A 81 32.12 17.78 30.09
C THR A 81 30.95 17.04 29.47
N ASP A 82 31.15 15.79 29.04
CA ASP A 82 30.13 15.01 28.37
C ASP A 82 30.05 13.62 28.98
N VAL A 83 28.84 13.07 29.05
CA VAL A 83 28.60 11.73 29.56
C VAL A 83 27.53 11.05 28.72
N PHE A 84 27.55 9.73 28.73
CA PHE A 84 26.50 8.89 28.16
C PHE A 84 25.56 8.48 29.27
N LEU A 85 24.29 8.82 29.15
CA LEU A 85 23.25 8.35 30.05
C LEU A 85 22.70 7.06 29.46
N LEU A 86 23.15 5.92 29.98
CA LEU A 86 22.73 4.62 29.48
C LEU A 86 21.67 3.95 30.33
N ASN A 87 21.28 4.55 31.45
CA ASN A 87 20.20 4.01 32.29
C ASN A 87 18.96 3.74 31.44
N SER A 88 18.41 2.55 31.58
CA SER A 88 17.20 2.19 30.85
C SER A 88 16.66 0.87 31.37
N THR A 89 15.33 0.77 31.44
CA THR A 89 14.66 -0.50 31.61
C THR A 89 14.41 -1.11 30.22
N ARG A 90 13.69 -2.22 30.15
CA ARG A 90 13.56 -2.93 28.90
C ARG A 90 12.67 -2.16 27.93
N PRO A 91 12.99 -2.17 26.63
CA PRO A 91 12.39 -1.23 25.67
C PRO A 91 10.88 -1.27 25.60
N PRO A 92 10.20 -2.37 25.97
CA PRO A 92 8.75 -2.27 26.16
C PRO A 92 8.34 -1.04 26.95
N LEU A 93 9.06 -0.75 28.04
CA LEU A 93 8.87 0.47 28.81
C LEU A 93 10.08 1.39 28.80
N GLY A 94 11.29 0.84 28.62
CA GLY A 94 12.51 1.62 28.59
C GLY A 94 13.00 1.89 27.19
N SER A 95 14.31 2.14 27.08
CA SER A 95 14.92 2.52 25.81
C SER A 95 15.62 1.34 25.13
N TRP A 96 16.58 0.71 25.81
CA TRP A 96 17.34 -0.37 25.20
C TRP A 96 17.53 -1.52 26.19
N PHE A 97 17.64 -2.73 25.64
CA PHE A 97 17.91 -3.90 26.46
C PHE A 97 19.33 -3.87 27.03
N GLY A 98 20.26 -3.27 26.31
CA GLY A 98 21.64 -3.22 26.75
C GLY A 98 22.48 -2.41 25.79
N CYS A 99 23.75 -2.26 26.15
CA CYS A 99 24.70 -1.45 25.40
C CYS A 99 26.06 -2.12 25.40
N THR A 100 26.86 -1.80 24.39
CA THR A 100 28.21 -2.32 24.23
C THR A 100 29.11 -1.24 23.68
N TRP A 101 30.29 -1.08 24.28
CA TRP A 101 31.27 -0.12 23.81
C TRP A 101 32.66 -0.66 24.15
N MET A 102 33.68 0.17 23.96
CA MET A 102 35.05 -0.25 24.22
C MET A 102 35.75 0.71 25.18
N ASN A 103 36.46 0.13 26.14
CA ASN A 103 37.22 0.89 27.13
C ASN A 103 38.26 1.77 26.45
N SER A 104 38.60 2.87 27.11
CA SER A 104 39.74 3.68 26.71
C SER A 104 41.01 2.87 26.55
N SER A 105 41.16 1.78 27.32
CA SER A 105 42.31 0.90 27.21
C SER A 105 42.16 -0.12 26.09
N GLY A 106 41.03 -0.13 25.38
CA GLY A 106 40.78 -1.07 24.32
C GLY A 106 40.01 -2.32 24.72
N TYR A 107 39.24 -2.27 25.80
CA TYR A 107 38.57 -3.45 26.33
C TYR A 107 37.07 -3.35 26.09
N THR A 108 36.47 -4.46 25.66
CA THR A 108 35.05 -4.49 25.34
C THR A 108 34.23 -4.52 26.63
N LYS A 109 33.42 -3.50 26.85
CA LYS A 109 32.56 -3.42 28.01
C LYS A 109 31.10 -3.44 27.57
N THR A 110 30.25 -4.06 28.39
CA THR A 110 28.84 -4.21 28.07
C THR A 110 28.02 -3.97 29.33
N CYS A 111 26.76 -3.58 29.11
CA CYS A 111 25.82 -3.37 30.20
C CYS A 111 24.43 -3.76 29.71
N GLY A 112 23.55 -4.08 30.64
CA GLY A 112 22.22 -4.50 30.22
C GLY A 112 21.27 -4.66 31.38
N ALA A 113 20.03 -5.02 31.04
CA ALA A 113 18.98 -5.14 32.03
C ALA A 113 19.27 -6.31 32.98
N PRO A 114 18.73 -6.27 34.20
CA PRO A 114 18.95 -7.37 35.15
C PRO A 114 18.38 -8.67 34.60
N PRO A 115 19.09 -9.78 34.77
CA PRO A 115 18.58 -11.07 34.28
C PRO A 115 17.33 -11.50 35.02
N CYS A 116 16.57 -12.37 34.37
CA CYS A 116 15.33 -12.89 34.95
C CYS A 116 15.62 -13.98 35.97
N THR A 141 8.55 -13.20 22.25
CA THR A 141 8.63 -12.93 23.69
C THR A 141 9.83 -13.65 24.31
N THR A 142 10.66 -14.23 23.43
CA THR A 142 11.89 -14.88 23.86
C THR A 142 12.84 -13.88 24.51
N TYR A 143 13.14 -12.80 23.80
CA TYR A 143 14.14 -11.81 24.19
C TYR A 143 13.52 -10.54 24.77
N LEU A 144 12.18 -10.45 24.74
CA LEU A 144 11.46 -9.27 25.17
C LEU A 144 11.37 -9.15 26.69
N LYS A 145 11.51 -10.27 27.41
CA LYS A 145 11.45 -10.26 28.87
C LYS A 145 12.81 -10.41 29.53
N CYS A 146 13.78 -10.99 28.83
CA CYS A 146 15.08 -11.31 29.44
C CYS A 146 16.26 -10.78 28.65
N GLY A 147 16.03 -9.95 27.63
CA GLY A 147 17.14 -9.39 26.89
C GLY A 147 17.96 -8.43 27.74
N SER A 148 19.28 -8.43 27.50
CA SER A 148 20.18 -7.57 28.26
C SER A 148 21.32 -7.05 27.39
N GLY A 149 21.11 -6.96 26.09
CA GLY A 149 22.12 -6.52 25.18
C GLY A 149 21.86 -7.03 23.78
N PRO A 150 22.92 -7.17 22.97
CA PRO A 150 22.73 -7.67 21.60
C PRO A 150 22.40 -9.15 21.53
N TRP A 151 22.59 -9.91 22.60
CA TRP A 151 22.41 -11.36 22.57
C TRP A 151 20.93 -11.71 22.65
N LEU A 152 20.37 -12.21 21.55
CA LEU A 152 18.99 -12.69 21.57
C LEU A 152 18.88 -13.99 22.34
N THR A 153 19.77 -14.93 22.07
CA THR A 153 19.86 -16.21 22.76
C THR A 153 21.32 -16.41 23.16
N PRO A 154 21.66 -17.47 23.91
CA PRO A 154 23.09 -17.72 24.19
C PRO A 154 23.93 -17.98 22.94
N ARG A 155 23.31 -18.28 21.79
CA ARG A 155 24.05 -18.57 20.58
C ARG A 155 23.99 -17.46 19.53
N CYS A 156 23.16 -16.44 19.73
CA CYS A 156 22.80 -15.49 18.68
C CYS A 156 22.88 -14.05 19.20
N LEU A 157 23.52 -13.21 18.41
CA LEU A 157 23.56 -11.78 18.71
C LEU A 157 23.09 -10.96 17.52
N ILE A 158 22.74 -9.71 17.81
CA ILE A 158 22.24 -8.80 16.79
C ILE A 158 23.43 -8.20 16.04
N ASP A 159 23.41 -8.30 14.71
CA ASP A 159 24.49 -7.76 13.91
C ASP A 159 24.45 -6.25 13.90
N TYR A 160 25.64 -5.63 13.88
CA TYR A 160 25.78 -4.18 13.80
C TYR A 160 27.20 -3.88 13.35
N PRO A 161 27.44 -2.69 12.75
CA PRO A 161 28.73 -2.43 12.09
C PRO A 161 29.97 -2.66 12.95
N TYR A 162 29.81 -2.68 14.27
CA TYR A 162 30.94 -2.86 15.18
C TYR A 162 30.90 -4.19 15.93
N ARG A 163 30.06 -5.13 15.49
CA ARG A 163 29.96 -6.41 16.17
C ARG A 163 31.30 -7.15 16.17
N LEU A 164 32.04 -7.09 15.07
CA LEU A 164 33.26 -7.88 14.94
C LEU A 164 34.37 -7.35 15.84
N TRP A 165 34.39 -6.05 16.11
CA TRP A 165 35.40 -5.50 17.01
C TRP A 165 35.03 -5.79 18.46
N HIS A 166 33.80 -5.45 18.86
CA HIS A 166 33.36 -5.67 20.23
C HIS A 166 33.36 -7.17 20.57
N TYR A 167 32.93 -8.00 19.63
CA TYR A 167 32.80 -9.45 19.85
C TYR A 167 33.56 -10.18 18.78
N PRO A 168 34.90 -10.28 18.90
CA PRO A 168 35.68 -10.96 17.85
C PRO A 168 35.45 -12.46 17.78
N CYS A 169 34.94 -13.07 18.85
CA CYS A 169 34.70 -14.51 18.87
C CYS A 169 33.53 -14.94 18.00
N THR A 170 32.81 -14.00 17.39
CA THR A 170 31.64 -14.31 16.57
C THR A 170 31.94 -14.20 15.08
N VAL A 171 33.19 -14.46 14.68
CA VAL A 171 33.58 -14.28 13.28
C VAL A 171 32.80 -15.24 12.38
N ASN A 172 32.73 -16.51 12.77
CA ASN A 172 32.19 -17.56 11.91
C ASN A 172 30.69 -17.78 12.12
N TYR A 173 30.01 -16.86 12.78
CA TYR A 173 28.57 -16.99 12.99
C TYR A 173 27.83 -16.78 11.67
N THR A 174 26.83 -17.62 11.43
CA THR A 174 25.98 -17.45 10.26
C THR A 174 24.98 -16.34 10.51
N ILE A 175 24.74 -15.52 9.47
CA ILE A 175 23.86 -14.36 9.60
C ILE A 175 22.62 -14.59 8.76
N PHE A 176 21.50 -14.07 9.26
CA PHE A 176 20.22 -14.16 8.56
C PHE A 176 19.29 -13.07 9.06
N LYS A 177 18.35 -12.69 8.20
CA LYS A 177 17.46 -11.56 8.45
C LYS A 177 16.21 -12.02 9.18
N ILE A 178 15.86 -11.29 10.25
CA ILE A 178 14.67 -11.57 11.05
C ILE A 178 13.92 -10.26 11.29
N ARG A 179 12.71 -10.39 11.83
CA ARG A 179 11.86 -9.26 12.18
C ARG A 179 11.28 -9.50 13.57
N MET A 180 11.06 -8.41 14.30
CA MET A 180 10.60 -8.52 15.68
C MET A 180 9.73 -7.31 16.04
N TYR A 181 8.56 -7.57 16.63
CA TYR A 181 7.66 -6.51 17.04
C TYR A 181 7.88 -6.21 18.52
N VAL A 182 8.19 -4.95 18.83
CA VAL A 182 8.34 -4.48 20.20
C VAL A 182 7.52 -3.22 20.37
N GLY A 183 6.55 -3.27 21.28
CA GLY A 183 5.72 -2.11 21.56
C GLY A 183 4.99 -1.55 20.36
N GLY A 184 4.59 -2.42 19.42
CA GLY A 184 3.93 -1.96 18.22
C GLY A 184 4.85 -1.41 17.14
N VAL A 185 6.17 -1.44 17.36
CA VAL A 185 7.14 -1.03 16.36
C VAL A 185 7.83 -2.26 15.82
N GLU A 186 7.89 -2.39 14.50
CA GLU A 186 8.58 -3.50 13.87
C GLU A 186 10.05 -3.15 13.70
N HIS A 187 10.93 -4.10 14.03
CA HIS A 187 12.36 -3.95 13.90
C HIS A 187 12.87 -5.02 12.95
N ARG A 188 13.57 -4.61 11.91
CA ARG A 188 14.21 -5.51 10.96
C ARG A 188 15.68 -5.65 11.38
N LEU A 189 16.10 -6.88 11.67
CA LEU A 189 17.42 -7.12 12.22
C LEU A 189 18.14 -8.20 11.42
N THR A 190 19.46 -8.19 11.53
CA THR A 190 20.28 -9.31 11.10
C THR A 190 20.85 -9.98 12.35
N ALA A 191 20.77 -11.31 12.40
CA ALA A 191 21.23 -12.07 13.54
C ALA A 191 22.38 -12.98 13.13
N ALA A 192 23.35 -13.16 14.03
CA ALA A 192 24.52 -14.00 13.82
C ALA A 192 24.57 -15.08 14.89
N CYS A 193 24.78 -16.33 14.46
CA CYS A 193 24.48 -17.51 15.26
C CYS A 193 25.46 -18.67 15.03
N ASN A 194 25.49 -19.55 16.05
CA ASN A 194 25.86 -20.97 16.05
C ASN A 194 26.94 -21.26 17.07
N PHE A 195 27.33 -22.53 17.19
CA PHE A 195 27.96 -23.03 18.41
C PHE A 195 29.49 -22.87 18.40
N THR A 196 30.05 -23.14 19.59
CA THR A 196 31.45 -23.46 19.78
C THR A 196 31.51 -24.77 20.57
N ARG A 197 32.62 -25.48 20.41
CA ARG A 197 32.76 -26.82 21.00
C ARG A 197 32.71 -26.78 22.53
N GLU B 1 4.10 -3.72 9.80
CA GLU B 1 4.57 -3.40 8.47
C GLU B 1 5.68 -2.36 8.50
N VAL B 2 6.37 -2.19 7.37
CA VAL B 2 7.39 -1.18 7.22
C VAL B 2 7.08 -0.38 5.95
N GLN B 3 7.78 0.74 5.80
CA GLN B 3 7.40 1.75 4.80
C GLN B 3 8.30 1.64 3.57
N LEU B 4 7.68 1.31 2.44
CA LEU B 4 8.33 1.32 1.14
C LEU B 4 7.64 2.36 0.26
N GLN B 5 8.43 3.20 -0.40
CA GLN B 5 7.91 4.28 -1.23
C GLN B 5 8.48 4.15 -2.63
N GLN B 6 7.61 3.95 -3.61
CA GLN B 6 8.03 3.69 -4.98
C GLN B 6 7.89 4.95 -5.83
N SER B 7 8.65 4.99 -6.93
CA SER B 7 8.68 6.14 -7.81
C SER B 7 7.38 6.22 -8.63
N GLY B 8 7.23 7.34 -9.33
CA GLY B 8 5.98 7.62 -10.02
C GLY B 8 5.80 6.83 -11.30
N ALA B 9 4.55 6.76 -11.74
CA ALA B 9 4.20 6.04 -12.97
C ALA B 9 5.01 6.56 -14.15
N GLU B 10 5.21 5.69 -15.14
CA GLU B 10 6.04 6.00 -16.28
C GLU B 10 5.40 5.51 -17.57
N LEU B 11 5.73 6.21 -18.64
CA LEU B 11 5.43 5.78 -20.00
C LEU B 11 6.75 5.46 -20.69
N VAL B 12 6.81 4.31 -21.34
CA VAL B 12 8.02 3.83 -22.01
C VAL B 12 7.68 3.44 -23.43
N LYS B 13 8.53 3.80 -24.37
CA LYS B 13 8.36 3.35 -25.74
C LYS B 13 8.63 1.85 -25.84
N PRO B 14 7.98 1.15 -26.77
CA PRO B 14 8.32 -0.26 -27.00
C PRO B 14 9.78 -0.42 -27.38
N GLY B 15 10.45 -1.38 -26.74
CA GLY B 15 11.85 -1.62 -26.97
C GLY B 15 12.79 -0.81 -26.10
N ALA B 16 12.28 0.17 -25.36
CA ALA B 16 13.09 0.98 -24.47
C ALA B 16 13.13 0.34 -23.07
N SER B 17 13.88 0.98 -22.17
CA SER B 17 14.07 0.46 -20.83
C SER B 17 13.49 1.43 -19.80
N VAL B 18 13.18 0.88 -18.62
CA VAL B 18 12.66 1.65 -17.50
C VAL B 18 13.44 1.27 -16.25
N LYS B 19 13.60 2.22 -15.34
CA LYS B 19 14.24 1.97 -14.05
C LYS B 19 13.36 2.55 -12.95
N LEU B 20 12.77 1.66 -12.14
CA LEU B 20 11.95 2.04 -11.01
C LEU B 20 12.75 1.92 -9.72
N SER B 21 12.38 2.74 -8.73
CA SER B 21 13.05 2.77 -7.45
C SER B 21 12.06 2.49 -6.32
N CYS B 22 12.62 2.09 -5.19
CA CYS B 22 11.83 1.70 -4.02
C CYS B 22 12.66 2.08 -2.79
N THR B 23 12.24 3.12 -2.08
CA THR B 23 12.99 3.66 -0.95
C THR B 23 12.39 3.19 0.36
N ALA B 24 13.24 2.76 1.28
CA ALA B 24 12.81 2.32 2.59
C ALA B 24 12.80 3.48 3.57
N SER B 25 11.83 3.48 4.48
CA SER B 25 11.77 4.48 5.54
C SER B 25 11.39 3.80 6.84
N GLY B 26 12.10 4.12 7.91
CA GLY B 26 11.85 3.52 9.19
C GLY B 26 12.55 2.19 9.42
N PHE B 27 13.48 1.82 8.57
CA PHE B 27 14.29 0.61 8.76
C PHE B 27 15.44 0.63 7.77
N ASN B 28 16.47 -0.15 8.09
CA ASN B 28 17.64 -0.27 7.23
C ASN B 28 17.38 -1.35 6.19
N ILE B 29 17.49 -0.97 4.91
CA ILE B 29 17.19 -1.89 3.82
C ILE B 29 18.16 -3.07 3.79
N LYS B 30 19.29 -2.97 4.48
CA LYS B 30 20.23 -4.07 4.54
C LYS B 30 19.71 -5.24 5.36
N ASP B 31 18.69 -5.01 6.20
CA ASP B 31 18.16 -6.05 7.07
C ASP B 31 16.96 -6.77 6.47
N THR B 32 16.65 -6.52 5.20
CA THR B 32 15.55 -7.17 4.51
C THR B 32 16.00 -7.65 3.14
N TYR B 33 15.30 -8.65 2.61
CA TYR B 33 15.35 -8.93 1.19
C TYR B 33 14.32 -8.05 0.49
N ILE B 34 14.68 -7.54 -0.69
CA ILE B 34 13.77 -6.74 -1.50
C ILE B 34 13.39 -7.55 -2.72
N HIS B 35 12.11 -7.89 -2.82
CA HIS B 35 11.55 -8.60 -3.96
C HIS B 35 10.81 -7.61 -4.86
N TRP B 36 10.69 -7.97 -6.13
CA TRP B 36 9.88 -7.22 -7.08
C TRP B 36 8.84 -8.16 -7.67
N VAL B 37 7.60 -7.70 -7.67
CA VAL B 37 6.46 -8.46 -8.18
C VAL B 37 5.72 -7.57 -9.17
N ASN B 38 5.12 -8.18 -10.19
CA ASN B 38 4.33 -7.40 -11.12
C ASN B 38 2.90 -7.93 -11.17
N GLN B 39 2.01 -7.05 -11.62
CA GLN B 39 0.59 -7.36 -11.76
C GLN B 39 0.09 -6.67 -13.01
N ARG B 40 -0.33 -7.46 -13.99
CA ARG B 40 -0.88 -6.91 -15.21
C ARG B 40 -2.34 -6.52 -15.00
N PRO B 41 -2.89 -5.63 -15.85
CA PRO B 41 -4.27 -5.16 -15.65
C PRO B 41 -5.28 -6.27 -15.45
N GLU B 42 -5.98 -6.23 -14.30
CA GLU B 42 -7.03 -7.20 -13.96
C GLU B 42 -6.50 -8.63 -13.94
N GLN B 43 -5.22 -8.79 -13.59
CA GLN B 43 -4.62 -10.12 -13.54
C GLN B 43 -4.00 -10.39 -12.18
N GLY B 44 -3.24 -11.48 -12.07
CA GLY B 44 -2.67 -11.90 -10.81
C GLY B 44 -1.28 -11.35 -10.55
N LEU B 45 -0.61 -11.96 -9.58
CA LEU B 45 0.70 -11.53 -9.16
C LEU B 45 1.77 -12.47 -9.71
N GLU B 46 2.95 -11.90 -9.99
CA GLU B 46 4.04 -12.64 -10.61
C GLU B 46 5.36 -12.17 -10.01
N TRP B 47 6.11 -13.10 -9.43
CA TRP B 47 7.40 -12.78 -8.82
C TRP B 47 8.45 -12.59 -9.91
N ILE B 48 9.20 -11.49 -9.82
CA ILE B 48 10.24 -11.17 -10.78
C ILE B 48 11.61 -11.60 -10.27
N GLY B 49 11.93 -11.25 -9.03
CA GLY B 49 13.22 -11.56 -8.46
C GLY B 49 13.37 -10.88 -7.13
N ARG B 50 14.54 -11.07 -6.53
CA ARG B 50 14.83 -10.50 -5.22
C ARG B 50 16.32 -10.24 -5.10
N ILE B 51 16.66 -9.27 -4.25
CA ILE B 51 18.04 -8.95 -3.92
C ILE B 51 18.21 -8.94 -2.40
N ASP B 52 19.36 -9.44 -1.96
CA ASP B 52 19.91 -9.17 -0.64
C ASP B 52 20.82 -7.96 -0.77
N PRO B 53 20.42 -6.79 -0.25
CA PRO B 53 21.26 -5.59 -0.37
C PRO B 53 22.47 -5.59 0.55
N ALA B 54 22.51 -6.46 1.55
CA ALA B 54 23.70 -6.55 2.38
C ALA B 54 24.92 -7.03 1.61
N ASN B 55 24.71 -7.76 0.50
CA ASN B 55 25.82 -8.20 -0.33
C ASN B 55 25.49 -8.16 -1.82
N GLY B 56 24.32 -7.63 -2.19
CA GLY B 56 23.96 -7.53 -3.59
C GLY B 56 23.56 -8.83 -4.25
N HIS B 57 23.22 -9.85 -3.47
CA HIS B 57 23.00 -11.19 -4.04
C HIS B 57 21.59 -11.27 -4.63
N THR B 58 21.48 -11.69 -5.89
CA THR B 58 20.21 -11.64 -6.58
C THR B 58 19.76 -13.03 -7.02
N GLN B 59 18.44 -13.24 -6.98
CA GLN B 59 17.79 -14.36 -7.65
C GLN B 59 16.68 -13.82 -8.52
N TYR B 60 16.38 -14.53 -9.60
CA TYR B 60 15.35 -14.10 -10.54
C TYR B 60 14.52 -15.28 -10.98
N ASP B 61 13.32 -14.99 -11.45
CA ASP B 61 12.62 -15.92 -12.31
C ASP B 61 13.38 -15.98 -13.63
N PRO B 62 13.82 -17.16 -14.08
CA PRO B 62 14.72 -17.22 -15.24
C PRO B 62 14.11 -16.70 -16.53
N LYS B 63 12.78 -16.60 -16.61
CA LYS B 63 12.18 -15.99 -17.79
C LYS B 63 12.39 -14.49 -17.83
N PHE B 64 12.75 -13.88 -16.70
CA PHE B 64 13.14 -12.48 -16.63
C PHE B 64 14.65 -12.30 -16.64
N GLN B 65 15.41 -13.39 -16.76
CA GLN B 65 16.87 -13.30 -16.75
C GLN B 65 17.36 -12.53 -17.97
N GLY B 66 18.10 -11.46 -17.72
CA GLY B 66 18.57 -10.59 -18.78
C GLY B 66 17.69 -9.37 -18.95
N LYS B 67 16.38 -9.58 -19.02
CA LYS B 67 15.45 -8.47 -19.19
C LYS B 67 15.35 -7.63 -17.92
N ALA B 68 15.44 -8.26 -16.76
CA ALA B 68 15.31 -7.57 -15.47
C ALA B 68 16.62 -7.60 -14.71
N THR B 69 16.97 -6.46 -14.11
CA THR B 69 18.13 -6.36 -13.23
C THR B 69 17.72 -5.63 -11.97
N ILE B 70 17.99 -6.24 -10.82
CA ILE B 70 17.66 -5.66 -9.52
C ILE B 70 18.96 -5.23 -8.85
N THR B 71 18.98 -3.99 -8.38
CA THR B 71 20.16 -3.45 -7.70
C THR B 71 19.72 -2.79 -6.40
N ALA B 72 20.69 -2.40 -5.58
CA ALA B 72 20.36 -1.83 -4.28
C ALA B 72 21.51 -0.95 -3.81
N ASP B 73 21.16 0.23 -3.30
CA ASP B 73 22.09 1.17 -2.71
C ASP B 73 21.68 1.36 -1.25
N THR B 74 22.49 0.83 -0.34
CA THR B 74 22.23 1.01 1.08
C THR B 74 22.60 2.40 1.56
N SER B 75 23.42 3.13 0.79
CA SER B 75 23.70 4.52 1.12
C SER B 75 22.41 5.34 1.15
N SER B 76 21.55 5.15 0.17
CA SER B 76 20.29 5.89 0.09
C SER B 76 19.08 5.02 0.46
N ASN B 77 19.31 3.81 0.97
CA ASN B 77 18.22 2.94 1.45
C ASN B 77 17.22 2.66 0.34
N THR B 78 17.72 2.38 -0.87
CA THR B 78 16.85 2.31 -2.05
C THR B 78 17.21 1.10 -2.90
N ALA B 79 16.19 0.35 -3.31
CA ALA B 79 16.37 -0.71 -4.28
C ALA B 79 15.86 -0.26 -5.65
N TYR B 80 16.33 -0.94 -6.69
CA TYR B 80 16.05 -0.54 -8.06
C TYR B 80 15.71 -1.76 -8.89
N LEU B 81 14.76 -1.58 -9.81
CA LEU B 81 14.39 -2.60 -10.79
C LEU B 81 14.47 -1.98 -12.17
N GLN B 82 15.37 -2.51 -13.01
CA GLN B 82 15.52 -2.06 -14.38
C GLN B 82 15.01 -3.14 -15.33
N LEU B 83 14.19 -2.73 -16.30
CA LEU B 83 13.63 -3.64 -17.29
C LEU B 83 13.96 -3.12 -18.68
N SER B 84 14.49 -4.00 -19.52
CA SER B 84 14.93 -3.64 -20.86
C SER B 84 14.07 -4.32 -21.92
N SER B 85 14.10 -3.75 -23.12
CA SER B 85 13.39 -4.27 -24.28
C SER B 85 11.91 -4.53 -23.95
N LEU B 86 11.25 -3.49 -23.48
CA LEU B 86 9.89 -3.62 -23.01
C LEU B 86 8.92 -3.80 -24.17
N THR B 87 7.92 -4.64 -23.98
CA THR B 87 6.84 -4.84 -24.92
C THR B 87 5.53 -4.39 -24.28
N SER B 88 4.48 -4.31 -25.10
CA SER B 88 3.17 -3.93 -24.61
C SER B 88 2.67 -4.89 -23.54
N GLU B 89 3.14 -6.14 -23.56
CA GLU B 89 2.79 -7.08 -22.50
C GLU B 89 3.31 -6.64 -21.15
N ASP B 90 4.42 -5.91 -21.12
CA ASP B 90 5.04 -5.48 -19.87
C ASP B 90 4.30 -4.34 -19.19
N THR B 91 3.23 -3.82 -19.80
CA THR B 91 2.40 -2.82 -19.13
C THR B 91 1.80 -3.42 -17.88
N ALA B 92 2.13 -2.86 -16.72
CA ALA B 92 1.71 -3.47 -15.46
C ALA B 92 2.08 -2.56 -14.30
N VAL B 93 1.54 -2.91 -13.12
CA VAL B 93 1.97 -2.32 -11.87
C VAL B 93 3.12 -3.16 -11.31
N TYR B 94 4.18 -2.50 -10.89
CA TYR B 94 5.35 -3.17 -10.33
C TYR B 94 5.48 -2.78 -8.86
N TYR B 95 5.34 -3.77 -7.98
CA TYR B 95 5.51 -3.62 -6.55
C TYR B 95 6.90 -4.06 -6.12
N CYS B 96 7.42 -3.38 -5.10
CA CYS B 96 8.55 -3.87 -4.32
C CYS B 96 8.02 -4.34 -2.97
N ALA B 97 8.72 -5.31 -2.38
CA ALA B 97 8.25 -5.91 -1.15
C ALA B 97 9.44 -6.34 -0.30
N THR B 98 9.25 -6.36 1.01
CA THR B 98 10.30 -6.80 1.91
C THR B 98 10.00 -8.22 2.41
N SER B 99 11.07 -8.93 2.76
CA SER B 99 10.93 -10.22 3.41
C SER B 99 12.10 -10.43 4.36
N ASP B 100 11.90 -11.31 5.33
CA ASP B 100 13.00 -11.79 6.17
C ASP B 100 13.48 -13.13 5.61
N TYR B 101 14.03 -13.99 6.49
CA TYR B 101 14.56 -15.27 6.03
C TYR B 101 13.49 -16.14 5.38
N SER B 102 12.23 -16.04 5.81
CA SER B 102 11.18 -16.91 5.32
C SER B 102 10.82 -16.63 3.86
N TYR B 103 11.15 -15.44 3.34
CA TYR B 103 10.84 -14.97 2.00
C TYR B 103 9.36 -14.68 1.81
N ALA B 104 8.56 -14.73 2.87
CA ALA B 104 7.19 -14.24 2.78
C ALA B 104 7.19 -12.72 2.71
N LEU B 105 6.39 -12.16 1.80
CA LEU B 105 6.42 -10.72 1.50
C LEU B 105 5.55 -10.00 2.52
N ASP B 106 6.18 -9.55 3.62
CA ASP B 106 5.44 -9.00 4.74
C ASP B 106 5.01 -7.54 4.54
N SER B 107 5.67 -6.79 3.66
CA SER B 107 5.29 -5.41 3.42
C SER B 107 5.48 -5.10 1.94
N TRP B 108 4.52 -4.36 1.38
CA TRP B 108 4.51 -4.03 -0.04
C TRP B 108 4.47 -2.52 -0.23
N GLY B 109 5.18 -2.04 -1.25
CA GLY B 109 5.04 -0.67 -1.66
C GLY B 109 3.70 -0.43 -2.33
N GLN B 110 3.47 0.83 -2.71
CA GLN B 110 2.21 1.20 -3.35
C GLN B 110 2.18 0.81 -4.82
N GLY B 111 3.30 0.42 -5.40
CA GLY B 111 3.32 0.04 -6.81
C GLY B 111 3.61 1.21 -7.72
N THR B 112 4.26 0.90 -8.84
CA THR B 112 4.55 1.88 -9.89
C THR B 112 3.92 1.39 -11.17
N SER B 113 3.03 2.20 -11.74
CA SER B 113 2.41 1.87 -13.01
C SER B 113 3.39 2.14 -14.15
N VAL B 114 3.60 1.15 -15.00
CA VAL B 114 4.45 1.28 -16.18
C VAL B 114 3.61 0.95 -17.40
N THR B 115 3.51 1.90 -18.33
CA THR B 115 2.74 1.73 -19.55
C THR B 115 3.68 1.77 -20.75
N VAL B 116 3.63 0.73 -21.58
CA VAL B 116 4.46 0.62 -22.78
C VAL B 116 3.58 0.98 -23.97
N SER B 117 3.89 2.09 -24.63
CA SER B 117 3.11 2.54 -25.78
C SER B 117 3.98 3.44 -26.64
N SER B 118 3.62 3.52 -27.92
CA SER B 118 4.30 4.42 -28.85
C SER B 118 3.71 5.82 -28.82
N ALA B 119 2.42 5.93 -28.52
CA ALA B 119 1.83 7.23 -28.26
C ALA B 119 2.49 7.86 -27.03
N LYS B 120 2.13 9.11 -26.76
CA LYS B 120 2.90 9.89 -25.80
C LYS B 120 1.97 10.62 -24.84
N THR B 121 2.55 11.19 -23.79
CA THR B 121 1.76 11.66 -22.65
C THR B 121 0.88 12.83 -23.03
N THR B 122 -0.35 12.82 -22.53
CA THR B 122 -1.27 13.94 -22.63
C THR B 122 -1.78 14.24 -21.23
N ALA B 123 -1.52 15.45 -20.75
CA ALA B 123 -2.04 15.86 -19.47
C ALA B 123 -3.54 16.15 -19.58
N PRO B 124 -4.30 15.87 -18.54
CA PRO B 124 -5.76 16.02 -18.63
C PRO B 124 -6.24 17.43 -18.38
N SER B 125 -7.45 17.70 -18.87
CA SER B 125 -8.21 18.87 -18.47
C SER B 125 -9.02 18.52 -17.23
N VAL B 126 -8.97 19.38 -16.22
CA VAL B 126 -9.70 19.17 -14.96
C VAL B 126 -10.78 20.23 -14.86
N TYR B 127 -12.02 19.78 -14.65
CA TYR B 127 -13.19 20.65 -14.63
C TYR B 127 -13.90 20.53 -13.29
N PRO B 128 -14.13 21.62 -12.56
CA PRO B 128 -14.96 21.55 -11.36
C PRO B 128 -16.44 21.51 -11.74
N LEU B 129 -17.21 20.74 -10.97
CA LEU B 129 -18.64 20.54 -11.24
C LEU B 129 -19.42 20.96 -10.00
N ALA B 130 -19.96 22.17 -10.04
CA ALA B 130 -20.82 22.67 -8.99
C ALA B 130 -22.25 22.18 -9.22
N PRO B 131 -23.08 22.17 -8.17
CA PRO B 131 -24.47 21.78 -8.34
C PRO B 131 -25.18 22.67 -9.35
N VAL B 132 -26.33 22.20 -9.82
CA VAL B 132 -27.17 22.93 -10.78
C VAL B 132 -27.45 24.32 -10.23
N CYS B 133 -27.53 25.30 -11.13
CA CYS B 133 -27.85 26.66 -10.72
C CYS B 133 -29.26 26.71 -10.13
N GLY B 134 -29.37 27.28 -8.92
CA GLY B 134 -30.66 27.42 -8.28
C GLY B 134 -31.29 26.12 -7.84
N ASP B 135 -30.50 25.19 -7.31
CA ASP B 135 -31.05 23.97 -6.75
C ASP B 135 -31.53 24.22 -5.32
N THR B 136 -32.55 23.46 -4.92
CA THR B 136 -33.04 23.55 -3.55
C THR B 136 -31.94 23.15 -2.56
N THR B 137 -32.02 23.71 -1.36
CA THR B 137 -31.01 23.46 -0.33
C THR B 137 -31.42 22.25 0.49
N GLY B 138 -30.63 21.18 0.40
CA GLY B 138 -30.84 19.99 1.19
C GLY B 138 -29.91 19.96 2.39
N SER B 139 -30.00 18.86 3.14
CA SER B 139 -29.10 18.66 4.27
C SER B 139 -27.67 18.41 3.79
N SER B 140 -27.51 17.85 2.59
CA SER B 140 -26.20 17.58 2.05
C SER B 140 -26.10 18.14 0.63
N VAL B 141 -24.87 18.29 0.17
CA VAL B 141 -24.57 18.80 -1.16
C VAL B 141 -23.46 17.93 -1.76
N THR B 142 -23.56 17.69 -3.07
CA THR B 142 -22.63 16.84 -3.80
C THR B 142 -21.92 17.68 -4.85
N LEU B 143 -20.60 17.64 -4.84
CA LEU B 143 -19.74 18.31 -5.81
C LEU B 143 -19.02 17.27 -6.65
N GLY B 144 -18.59 17.69 -7.86
CA GLY B 144 -17.95 16.79 -8.78
C GLY B 144 -16.68 17.40 -9.36
N CYS B 145 -15.90 16.52 -10.01
CA CYS B 145 -14.65 16.92 -10.62
C CYS B 145 -14.37 15.95 -11.76
N LEU B 146 -14.16 16.49 -12.95
CA LEU B 146 -14.04 15.71 -14.19
C LEU B 146 -12.63 15.82 -14.72
N VAL B 147 -11.95 14.69 -14.87
CA VAL B 147 -10.59 14.62 -15.39
C VAL B 147 -10.65 13.96 -16.76
N LYS B 148 -10.47 14.75 -17.82
CA LYS B 148 -10.78 14.31 -19.17
C LYS B 148 -9.57 14.44 -20.08
N GLY B 149 -9.34 13.42 -20.92
CA GLY B 149 -8.35 13.51 -21.97
C GLY B 149 -6.91 13.39 -21.49
N TYR B 150 -6.55 12.24 -20.91
CA TYR B 150 -5.18 12.02 -20.47
C TYR B 150 -4.70 10.64 -20.90
N PHE B 151 -3.38 10.49 -20.93
CA PHE B 151 -2.72 9.24 -21.26
C PHE B 151 -1.28 9.33 -20.80
N PRO B 152 -0.73 8.27 -20.17
CA PRO B 152 -1.45 7.05 -19.80
C PRO B 152 -1.99 7.09 -18.38
N GLU B 153 -2.46 5.94 -17.90
CA GLU B 153 -2.88 5.82 -16.52
C GLU B 153 -1.68 5.87 -15.59
N PRO B 154 -1.88 6.26 -14.32
CA PRO B 154 -3.14 6.72 -13.75
C PRO B 154 -3.16 8.22 -13.52
N VAL B 155 -4.23 8.70 -12.92
CA VAL B 155 -4.23 9.99 -12.24
C VAL B 155 -4.56 9.72 -10.78
N THR B 156 -4.00 10.54 -9.90
CA THR B 156 -4.33 10.52 -8.49
C THR B 156 -5.22 11.73 -8.20
N LEU B 157 -6.41 11.46 -7.67
CA LEU B 157 -7.38 12.51 -7.36
C LEU B 157 -7.66 12.50 -5.86
N THR B 158 -7.59 13.68 -5.25
CA THR B 158 -7.95 13.85 -3.85
C THR B 158 -8.79 15.12 -3.70
N TRP B 159 -9.33 15.30 -2.49
CA TRP B 159 -10.18 16.44 -2.18
C TRP B 159 -9.59 17.16 -0.97
N ASN B 160 -9.31 18.44 -1.13
CA ASN B 160 -8.65 19.24 -0.08
C ASN B 160 -7.40 18.52 0.41
N SER B 161 -6.54 18.16 -0.54
CA SER B 161 -5.38 17.29 -0.29
C SER B 161 -5.94 15.99 0.29
N GLY B 162 -5.46 15.48 1.41
CA GLY B 162 -6.02 14.24 1.90
C GLY B 162 -7.15 14.35 2.90
N SER B 163 -7.57 15.58 3.26
CA SER B 163 -8.42 15.76 4.44
C SER B 163 -9.88 15.39 4.21
N LEU B 164 -10.34 15.35 2.96
CA LEU B 164 -11.74 15.02 2.65
C LEU B 164 -11.76 13.65 1.95
N SER B 165 -11.92 12.59 2.74
CA SER B 165 -11.94 11.22 2.23
C SER B 165 -13.30 10.55 2.33
N SER B 166 -14.00 10.71 3.45
CA SER B 166 -15.35 10.17 3.57
C SER B 166 -16.30 10.95 2.66
N GLY B 167 -17.23 10.23 2.03
CA GLY B 167 -18.14 10.84 1.09
C GLY B 167 -17.62 10.96 -0.32
N VAL B 168 -16.42 10.44 -0.61
CA VAL B 168 -15.80 10.53 -1.91
C VAL B 168 -16.00 9.24 -2.68
N HIS B 169 -16.36 9.36 -3.95
CA HIS B 169 -16.42 8.23 -4.88
C HIS B 169 -15.66 8.64 -6.14
N THR B 170 -14.52 8.01 -6.38
CA THR B 170 -13.74 8.23 -7.60
C THR B 170 -13.98 7.06 -8.54
N PHE B 171 -14.40 7.36 -9.77
CA PHE B 171 -14.84 6.30 -10.67
C PHE B 171 -13.71 5.90 -11.61
N PRO B 172 -13.57 4.60 -11.86
CA PRO B 172 -12.44 4.12 -12.68
C PRO B 172 -12.45 4.74 -14.06
N ALA B 173 -11.24 4.90 -14.60
CA ALA B 173 -11.09 5.58 -15.88
C ALA B 173 -11.78 4.82 -17.00
N VAL B 174 -12.33 5.55 -17.96
CA VAL B 174 -12.91 5.00 -19.18
C VAL B 174 -12.13 5.54 -20.37
N LEU B 175 -11.76 4.65 -21.28
CA LEU B 175 -10.99 5.00 -22.47
C LEU B 175 -11.94 5.21 -23.64
N GLN B 176 -11.88 6.38 -24.27
CA GLN B 176 -12.80 6.70 -25.38
C GLN B 176 -12.09 6.61 -26.73
N SER B 177 -11.19 7.55 -27.04
CA SER B 177 -10.42 7.56 -28.30
C SER B 177 -8.95 7.82 -27.97
N ASP B 178 -8.25 6.78 -27.50
CA ASP B 178 -6.84 6.77 -27.12
C ASP B 178 -6.55 7.64 -25.90
N LEU B 179 -7.59 8.22 -25.26
CA LEU B 179 -7.41 9.01 -24.06
C LEU B 179 -8.36 8.51 -22.97
N TYR B 180 -7.97 8.74 -21.73
CA TYR B 180 -8.73 8.31 -20.56
C TYR B 180 -9.51 9.48 -19.97
N THR B 181 -10.63 9.15 -19.35
CA THR B 181 -11.44 10.13 -18.62
C THR B 181 -12.00 9.46 -17.39
N LEU B 182 -11.84 10.09 -16.24
CA LEU B 182 -12.50 9.65 -15.03
C LEU B 182 -13.18 10.83 -14.34
N SER B 183 -13.94 10.52 -13.30
CA SER B 183 -14.71 11.50 -12.56
C SER B 183 -14.61 11.19 -11.08
N SER B 184 -14.96 12.18 -10.27
CA SER B 184 -15.01 11.96 -8.84
C SER B 184 -16.09 12.86 -8.24
N SER B 185 -16.84 12.30 -7.29
CA SER B 185 -17.85 13.06 -6.57
C SER B 185 -17.52 13.03 -5.09
N VAL B 186 -17.92 14.09 -4.40
CA VAL B 186 -17.79 14.17 -2.95
C VAL B 186 -19.08 14.75 -2.40
N THR B 187 -19.54 14.19 -1.28
CA THR B 187 -20.78 14.62 -0.65
C THR B 187 -20.47 15.08 0.77
N VAL B 188 -20.91 16.30 1.10
CA VAL B 188 -20.70 16.88 2.41
C VAL B 188 -22.02 17.46 2.90
N THR B 189 -22.06 17.84 4.17
CA THR B 189 -23.25 18.51 4.67
C THR B 189 -23.32 19.92 4.10
N SER B 190 -24.54 20.42 3.91
CA SER B 190 -24.73 21.72 3.29
C SER B 190 -24.03 22.84 4.07
N SER B 191 -23.99 22.73 5.40
CA SER B 191 -23.31 23.76 6.19
C SER B 191 -21.81 23.76 5.97
N THR B 192 -21.26 22.74 5.31
CA THR B 192 -19.83 22.70 5.01
C THR B 192 -19.49 23.50 3.77
N TRP B 193 -20.31 23.40 2.72
CA TRP B 193 -20.01 24.05 1.45
C TRP B 193 -21.21 24.88 1.01
N PRO B 194 -20.97 26.11 0.51
CA PRO B 194 -19.64 26.67 0.26
C PRO B 194 -19.11 27.59 1.35
N SER B 195 -19.47 27.38 2.61
CA SER B 195 -18.95 28.22 3.67
C SER B 195 -17.44 28.04 3.84
N GLN B 196 -16.93 26.83 3.62
CA GLN B 196 -15.49 26.60 3.55
C GLN B 196 -15.15 25.96 2.21
N SER B 197 -13.95 26.24 1.73
CA SER B 197 -13.57 25.86 0.38
C SER B 197 -13.39 24.36 0.24
N ILE B 198 -13.75 23.84 -0.93
CA ILE B 198 -13.53 22.46 -1.31
C ILE B 198 -12.80 22.46 -2.65
N THR B 199 -11.71 21.70 -2.73
CA THR B 199 -10.80 21.79 -3.86
C THR B 199 -10.45 20.41 -4.39
N CYS B 200 -10.53 20.25 -5.71
CA CYS B 200 -10.15 19.02 -6.39
C CYS B 200 -8.66 19.06 -6.73
N ASN B 201 -7.91 18.04 -6.29
CA ASN B 201 -6.48 17.94 -6.54
C ASN B 201 -6.23 16.76 -7.48
N VAL B 202 -5.73 17.03 -8.68
CA VAL B 202 -5.49 15.99 -9.68
C VAL B 202 -4.03 16.01 -10.07
N ALA B 203 -3.37 14.86 -9.95
CA ALA B 203 -2.00 14.70 -10.39
C ALA B 203 -1.94 13.62 -11.45
N HIS B 204 -1.18 13.90 -12.51
CA HIS B 204 -0.92 12.94 -13.58
C HIS B 204 0.56 12.65 -13.59
N PRO B 205 1.00 11.46 -13.14
CA PRO B 205 2.43 11.20 -12.92
C PRO B 205 3.35 11.40 -14.11
N ALA B 206 2.84 11.88 -15.23
CA ALA B 206 3.71 12.57 -16.20
C ALA B 206 3.99 14.00 -15.78
N SER B 207 4.16 14.20 -14.46
CA SER B 207 4.63 15.45 -13.85
C SER B 207 3.66 16.59 -14.09
N SER B 208 2.35 16.30 -14.04
CA SER B 208 1.33 17.33 -14.07
C SER B 208 0.58 17.34 -12.75
N THR B 209 0.21 18.54 -12.29
CA THR B 209 -0.65 18.64 -11.12
C THR B 209 -1.50 19.90 -11.22
N LYS B 210 -2.82 19.72 -11.19
CA LYS B 210 -3.79 20.80 -11.11
C LYS B 210 -4.53 20.66 -9.78
N VAL B 211 -4.17 21.51 -8.82
CA VAL B 211 -4.99 21.69 -7.64
C VAL B 211 -5.93 22.87 -7.83
N ASP B 212 -5.62 23.76 -8.78
CA ASP B 212 -6.31 25.05 -8.93
C ASP B 212 -7.83 24.94 -8.95
N LYS B 213 -8.38 23.75 -9.19
CA LYS B 213 -9.81 23.63 -9.50
C LYS B 213 -10.62 23.54 -8.20
N LYS B 214 -10.80 24.71 -7.61
CA LYS B 214 -11.69 24.89 -6.46
C LYS B 214 -13.13 24.92 -6.93
N ILE B 215 -14.02 24.31 -6.15
CA ILE B 215 -15.43 24.23 -6.53
C ILE B 215 -16.12 25.53 -6.12
N GLU B 216 -16.68 26.25 -7.11
CA GLU B 216 -17.35 27.51 -6.90
C GLU B 216 -18.82 27.40 -7.30
N PRO B 217 -19.73 27.97 -6.51
CA PRO B 217 -21.16 27.93 -6.87
C PRO B 217 -21.41 28.61 -8.21
N ARG B 218 -22.34 28.03 -8.98
CA ARG B 218 -22.66 28.55 -10.31
C ARG B 218 -23.43 29.87 -10.23
N GLY B 219 -23.48 30.56 -11.35
CA GLY B 219 -24.21 31.81 -11.45
C GLY B 219 -25.10 31.87 -12.68
N ASP C 1 8.43 -25.20 -12.11
CA ASP C 1 7.73 -24.23 -11.29
C ASP C 1 6.56 -24.88 -10.55
N ILE C 2 6.34 -24.44 -9.32
CA ILE C 2 5.25 -24.97 -8.50
C ILE C 2 3.95 -24.28 -8.91
N VAL C 3 2.97 -25.05 -9.36
CA VAL C 3 1.69 -24.51 -9.79
C VAL C 3 0.75 -24.43 -8.60
N MET C 4 0.27 -23.22 -8.32
CA MET C 4 -0.71 -22.98 -7.26
C MET C 4 -2.07 -22.73 -7.89
N THR C 5 -3.08 -23.45 -7.43
CA THR C 5 -4.44 -23.37 -7.97
C THR C 5 -5.41 -23.01 -6.86
N GLN C 6 -6.21 -21.98 -7.08
CA GLN C 6 -7.17 -21.52 -6.09
C GLN C 6 -8.59 -21.83 -6.53
N SER C 7 -9.49 -21.94 -5.54
CA SER C 7 -10.89 -22.22 -5.78
C SER C 7 -11.72 -21.64 -4.64
N PRO C 8 -12.91 -21.11 -4.92
CA PRO C 8 -13.45 -20.87 -6.27
C PRO C 8 -12.91 -19.57 -6.83
N SER C 9 -13.31 -19.18 -8.04
CA SER C 9 -12.82 -17.93 -8.59
C SER C 9 -13.40 -16.73 -7.83
N SER C 10 -14.66 -16.80 -7.45
CA SER C 10 -15.30 -15.69 -6.73
C SER C 10 -16.28 -16.23 -5.70
N LEU C 11 -16.52 -15.40 -4.67
CA LEU C 11 -17.46 -15.71 -3.60
C LEU C 11 -18.29 -14.46 -3.31
N ALA C 12 -19.54 -14.69 -2.89
CA ALA C 12 -20.48 -13.61 -2.57
C ALA C 12 -21.12 -13.91 -1.22
N MET C 13 -20.62 -13.27 -0.16
CA MET C 13 -21.05 -13.54 1.20
C MET C 13 -21.62 -12.28 1.84
N SER C 14 -22.58 -12.47 2.74
CA SER C 14 -23.11 -11.38 3.53
C SER C 14 -22.37 -11.29 4.86
N VAL C 15 -22.49 -10.12 5.51
CA VAL C 15 -21.69 -9.83 6.70
C VAL C 15 -22.05 -10.78 7.83
N GLY C 16 -21.05 -11.46 8.37
CA GLY C 16 -21.23 -12.42 9.44
C GLY C 16 -21.17 -13.87 9.01
N GLN C 17 -21.35 -14.14 7.72
CA GLN C 17 -21.24 -15.51 7.22
C GLN C 17 -19.79 -15.98 7.32
N LYS C 18 -19.64 -17.30 7.50
CA LYS C 18 -18.34 -17.95 7.47
C LYS C 18 -18.04 -18.36 6.04
N VAL C 19 -16.77 -18.26 5.64
CA VAL C 19 -16.37 -18.61 4.28
C VAL C 19 -15.01 -19.30 4.31
N THR C 20 -14.79 -20.16 3.32
CA THR C 20 -13.54 -20.90 3.16
C THR C 20 -13.13 -20.85 1.70
N MET C 21 -11.84 -20.65 1.45
CA MET C 21 -11.28 -20.70 0.10
C MET C 21 -10.07 -21.62 0.09
N SER C 22 -9.85 -22.27 -1.06
CA SER C 22 -8.93 -23.38 -1.19
C SER C 22 -7.77 -23.03 -2.10
N CYS C 23 -6.59 -23.54 -1.75
CA CYS C 23 -5.41 -23.47 -2.59
C CYS C 23 -4.72 -24.83 -2.58
N LYS C 24 -4.19 -25.22 -3.74
CA LYS C 24 -3.51 -26.50 -3.88
C LYS C 24 -2.24 -26.29 -4.69
N SER C 25 -1.12 -26.78 -4.17
CA SER C 25 0.17 -26.70 -4.83
C SER C 25 0.48 -28.02 -5.53
N SER C 26 1.15 -27.93 -6.67
CA SER C 26 1.57 -29.11 -7.42
C SER C 26 2.61 -29.93 -6.68
N GLN C 27 3.26 -29.37 -5.66
CA GLN C 27 4.31 -30.05 -4.93
C GLN C 27 4.18 -29.70 -3.46
N SER C 28 4.58 -30.64 -2.60
CA SER C 28 4.57 -30.39 -1.16
C SER C 28 5.44 -29.18 -0.82
N LEU C 29 5.00 -28.43 0.19
CA LEU C 29 5.69 -27.23 0.64
C LEU C 29 6.25 -27.38 2.05
N LEU C 30 6.46 -28.61 2.50
CA LEU C 30 6.84 -28.88 3.89
C LEU C 30 8.35 -28.93 4.03
N ASN C 31 8.87 -28.23 5.02
CA ASN C 31 10.26 -28.37 5.46
C ASN C 31 10.25 -29.25 6.71
N SER C 32 10.86 -30.44 6.59
CA SER C 32 10.81 -31.40 7.69
C SER C 32 11.59 -30.91 8.91
N ASN C 33 12.67 -30.16 8.69
CA ASN C 33 13.41 -29.61 9.82
C ASN C 33 12.59 -28.56 10.56
N ASN C 34 11.67 -27.90 9.87
CA ASN C 34 10.81 -26.88 10.46
C ASN C 34 9.46 -27.40 10.89
N GLN C 35 8.98 -28.48 10.26
CA GLN C 35 7.58 -28.88 10.34
C GLN C 35 6.67 -27.72 9.92
N LYS C 36 7.15 -26.89 9.00
CA LYS C 36 6.43 -25.72 8.52
C LYS C 36 6.15 -25.86 7.03
N ASN C 37 4.93 -25.49 6.64
CA ASN C 37 4.53 -25.44 5.24
C ASN C 37 4.65 -24.01 4.75
N TYR C 38 5.53 -23.80 3.77
CA TYR C 38 5.86 -22.45 3.32
C TYR C 38 4.79 -21.95 2.34
N LEU C 39 3.62 -21.66 2.90
CA LEU C 39 2.49 -21.12 2.16
C LEU C 39 2.00 -19.85 2.84
N ALA C 40 1.68 -18.84 2.02
CA ALA C 40 1.25 -17.54 2.51
C ALA C 40 -0.02 -17.11 1.80
N TRP C 41 -0.83 -16.35 2.52
CA TRP C 41 -2.06 -15.77 2.02
C TRP C 41 -1.94 -14.25 2.07
N TYR C 42 -2.24 -13.60 0.94
CA TYR C 42 -2.22 -12.15 0.78
C TYR C 42 -3.62 -11.66 0.43
N GLN C 43 -3.95 -10.48 0.93
CA GLN C 43 -5.23 -9.82 0.66
C GLN C 43 -4.96 -8.52 -0.09
N GLN C 44 -5.71 -8.29 -1.16
CA GLN C 44 -5.60 -7.06 -1.95
C GLN C 44 -6.99 -6.45 -2.06
N LYS C 45 -7.21 -5.37 -1.33
CA LYS C 45 -8.45 -4.62 -1.38
C LYS C 45 -8.48 -3.76 -2.65
N PRO C 46 -9.67 -3.40 -3.11
CA PRO C 46 -9.78 -2.64 -4.38
C PRO C 46 -8.92 -1.38 -4.38
N GLY C 47 -8.11 -1.24 -5.43
CA GLY C 47 -7.24 -0.10 -5.59
C GLY C 47 -5.99 -0.12 -4.73
N GLN C 48 -5.77 -1.16 -3.95
CA GLN C 48 -4.67 -1.21 -2.99
C GLN C 48 -3.64 -2.25 -3.42
N SER C 49 -2.53 -2.23 -2.72
CA SER C 49 -1.45 -3.18 -2.85
C SER C 49 -1.69 -4.37 -1.92
N PRO C 50 -1.15 -5.55 -2.26
CA PRO C 50 -1.36 -6.72 -1.39
C PRO C 50 -0.78 -6.51 0.00
N LYS C 51 -1.37 -7.19 0.97
CA LYS C 51 -0.82 -7.25 2.32
C LYS C 51 -0.77 -8.70 2.79
N LEU C 52 0.30 -9.04 3.50
CA LEU C 52 0.47 -10.39 4.01
C LEU C 52 -0.55 -10.65 5.12
N LEU C 53 -1.44 -11.61 4.87
CA LEU C 53 -2.41 -12.02 5.89
C LEU C 53 -1.87 -13.15 6.75
N VAL C 54 -1.40 -14.22 6.11
CA VAL C 54 -0.94 -15.41 6.84
C VAL C 54 0.33 -15.91 6.19
N TYR C 55 1.26 -16.42 6.99
CA TYR C 55 2.43 -17.11 6.46
C TYR C 55 2.63 -18.42 7.22
N PHE C 56 3.47 -19.28 6.64
CA PHE C 56 3.72 -20.62 7.19
C PHE C 56 2.41 -21.42 7.33
N ALA C 57 1.50 -21.21 6.38
CA ALA C 57 0.21 -21.90 6.29
C ALA C 57 -0.78 -21.45 7.36
N SER C 58 -0.33 -21.24 8.60
CA SER C 58 -1.26 -20.96 9.68
C SER C 58 -0.84 -19.82 10.61
N THR C 59 0.33 -19.23 10.44
CA THR C 59 0.77 -18.16 11.34
C THR C 59 0.17 -16.84 10.88
N ARG C 60 -0.73 -16.28 11.68
CA ARG C 60 -1.35 -15.01 11.35
C ARG C 60 -0.35 -13.87 11.51
N GLU C 61 -0.26 -13.01 10.51
CA GLU C 61 0.61 -11.85 10.60
C GLU C 61 0.09 -10.92 11.70
N SER C 62 1.02 -10.37 12.47
CA SER C 62 0.67 -9.55 13.62
C SER C 62 -0.17 -8.35 13.18
N GLY C 63 -1.31 -8.16 13.85
CA GLY C 63 -2.25 -7.11 13.52
C GLY C 63 -3.45 -7.56 12.72
N VAL C 64 -3.40 -8.76 12.14
CA VAL C 64 -4.50 -9.28 11.33
C VAL C 64 -5.57 -9.83 12.26
N PRO C 65 -6.85 -9.56 12.00
CA PRO C 65 -7.91 -9.97 12.94
C PRO C 65 -8.00 -11.48 13.10
N ASP C 66 -8.56 -11.89 14.23
CA ASP C 66 -8.65 -13.31 14.59
C ASP C 66 -9.51 -14.10 13.60
N ARG C 67 -10.44 -13.44 12.92
CA ARG C 67 -11.37 -14.17 12.06
C ARG C 67 -10.67 -14.82 10.86
N PHE C 68 -9.44 -14.42 10.54
CA PHE C 68 -8.67 -15.03 9.47
C PHE C 68 -7.90 -16.22 10.02
N ILE C 69 -8.10 -17.40 9.44
CA ILE C 69 -7.49 -18.64 9.91
C ILE C 69 -6.93 -19.39 8.71
N GLY C 70 -5.61 -19.57 8.68
CA GLY C 70 -4.99 -20.41 7.67
C GLY C 70 -4.80 -21.83 8.20
N SER C 71 -5.02 -22.80 7.32
CA SER C 71 -4.81 -24.19 7.71
C SER C 71 -4.45 -25.02 6.49
N GLY C 72 -4.14 -26.28 6.73
CA GLY C 72 -3.76 -27.21 5.69
C GLY C 72 -2.32 -27.65 5.82
N SER C 73 -1.97 -28.61 4.97
CA SER C 73 -0.59 -29.11 4.90
C SER C 73 -0.44 -29.94 3.63
N GLY C 74 0.76 -30.49 3.44
CA GLY C 74 1.09 -31.17 2.22
C GLY C 74 0.90 -30.26 1.01
N THR C 75 -0.10 -30.57 0.20
CA THR C 75 -0.42 -29.79 -0.98
C THR C 75 -1.78 -29.13 -0.90
N ASP C 76 -2.49 -29.23 0.23
CA ASP C 76 -3.85 -28.72 0.34
C ASP C 76 -3.93 -27.73 1.49
N PHE C 77 -4.38 -26.50 1.18
CA PHE C 77 -4.43 -25.44 2.16
C PHE C 77 -5.73 -24.66 2.00
N THR C 78 -6.16 -24.03 3.09
CA THR C 78 -7.40 -23.29 3.11
C THR C 78 -7.21 -22.00 3.91
N LEU C 79 -7.93 -20.97 3.49
CA LEU C 79 -8.08 -19.73 4.25
C LEU C 79 -9.54 -19.58 4.63
N THR C 80 -9.78 -19.39 5.92
CA THR C 80 -11.12 -19.29 6.46
C THR C 80 -11.34 -17.91 7.06
N ILE C 81 -12.49 -17.33 6.75
CA ILE C 81 -12.97 -16.11 7.39
C ILE C 81 -14.19 -16.53 8.21
N SER C 82 -13.98 -16.65 9.53
CA SER C 82 -15.01 -17.18 10.41
C SER C 82 -16.24 -16.28 10.49
N SER C 83 -16.08 -14.98 10.22
CA SER C 83 -17.20 -14.04 10.25
C SER C 83 -16.85 -12.90 9.28
N VAL C 84 -17.32 -13.05 8.03
CA VAL C 84 -16.97 -12.10 6.98
C VAL C 84 -17.43 -10.69 7.35
N GLN C 85 -16.53 -9.73 7.18
CA GLN C 85 -16.81 -8.33 7.46
C GLN C 85 -16.82 -7.51 6.18
N ALA C 86 -17.41 -6.32 6.26
CA ALA C 86 -17.52 -5.46 5.09
C ALA C 86 -16.15 -5.05 4.56
N GLU C 87 -15.16 -4.90 5.44
CA GLU C 87 -13.82 -4.51 5.01
C GLU C 87 -13.02 -5.66 4.41
N ASP C 88 -13.51 -6.90 4.50
CA ASP C 88 -12.83 -8.05 3.93
C ASP C 88 -13.02 -8.18 2.43
N LEU C 89 -13.78 -7.28 1.81
CA LEU C 89 -13.95 -7.19 0.37
C LEU C 89 -12.61 -7.13 -0.34
N ALA C 90 -12.24 -8.17 -1.09
CA ALA C 90 -10.87 -8.17 -1.62
C ALA C 90 -10.64 -9.37 -2.54
N ASP C 91 -9.54 -9.31 -3.28
CA ASP C 91 -8.96 -10.49 -3.90
C ASP C 91 -8.01 -11.15 -2.92
N TYR C 92 -7.99 -12.47 -2.90
CA TYR C 92 -7.13 -13.22 -2.00
C TYR C 92 -6.22 -14.13 -2.82
N PHE C 93 -4.92 -14.07 -2.55
CA PHE C 93 -3.92 -14.82 -3.32
C PHE C 93 -3.18 -15.77 -2.39
N CYS C 94 -3.02 -17.02 -2.81
CA CYS C 94 -2.07 -17.88 -2.12
C CYS C 94 -0.73 -17.80 -2.82
N GLN C 95 0.33 -18.17 -2.10
CA GLN C 95 1.67 -18.12 -2.66
C GLN C 95 2.56 -19.07 -1.88
N GLN C 96 3.25 -19.96 -2.59
CA GLN C 96 4.32 -20.73 -1.97
C GLN C 96 5.56 -19.87 -1.89
N HIS C 97 6.13 -19.76 -0.68
CA HIS C 97 7.43 -19.12 -0.49
C HIS C 97 8.46 -20.17 -0.12
N TYR C 98 8.37 -21.33 -0.77
CA TYR C 98 9.24 -22.47 -0.49
C TYR C 98 10.51 -22.42 -1.33
N SER C 99 10.37 -22.44 -2.66
CA SER C 99 11.51 -22.47 -3.56
C SER C 99 11.25 -21.56 -4.75
N THR C 100 12.32 -21.03 -5.34
CA THR C 100 12.23 -20.10 -6.44
C THR C 100 11.96 -20.84 -7.76
N PRO C 101 11.22 -20.21 -8.69
CA PRO C 101 10.57 -18.91 -8.52
C PRO C 101 9.33 -19.00 -7.64
N TYR C 102 9.17 -18.05 -6.72
CA TYR C 102 7.98 -18.03 -5.88
C TYR C 102 6.76 -17.73 -6.75
N THR C 103 5.70 -18.52 -6.56
CA THR C 103 4.58 -18.53 -7.48
C THR C 103 3.28 -18.30 -6.72
N PHE C 104 2.35 -17.62 -7.39
CA PHE C 104 1.07 -17.24 -6.81
C PHE C 104 -0.07 -18.03 -7.44
N GLY C 105 -1.16 -18.18 -6.68
CA GLY C 105 -2.40 -18.65 -7.26
C GLY C 105 -3.12 -17.54 -8.01
N GLY C 106 -4.13 -17.95 -8.79
CA GLY C 106 -4.89 -17.01 -9.58
C GLY C 106 -5.78 -16.08 -8.78
N GLY C 107 -5.97 -16.33 -7.49
CA GLY C 107 -6.77 -15.44 -6.67
C GLY C 107 -8.22 -15.89 -6.57
N THR C 108 -8.85 -15.52 -5.45
CA THR C 108 -10.27 -15.74 -5.21
C THR C 108 -10.89 -14.39 -4.85
N LYS C 109 -11.95 -14.04 -5.58
CA LYS C 109 -12.63 -12.76 -5.40
C LYS C 109 -13.68 -12.89 -4.30
N LEU C 110 -13.60 -12.02 -3.29
CA LEU C 110 -14.57 -11.96 -2.20
C LEU C 110 -15.34 -10.66 -2.31
N GLU C 111 -16.59 -10.77 -2.76
CA GLU C 111 -17.58 -9.71 -2.78
C GLU C 111 -18.55 -9.88 -1.62
N ILE C 112 -19.31 -8.81 -1.35
CA ILE C 112 -20.17 -8.74 -0.18
C ILE C 112 -21.61 -8.59 -0.62
N ARG C 113 -22.49 -9.32 0.06
CA ARG C 113 -23.94 -9.21 -0.13
C ARG C 113 -24.55 -8.33 0.95
N ARG C 114 -25.51 -7.49 0.55
CA ARG C 114 -26.18 -6.62 1.49
C ARG C 114 -27.63 -6.45 1.05
N ALA C 115 -28.39 -5.70 1.84
CA ALA C 115 -29.76 -5.39 1.47
C ALA C 115 -29.78 -4.37 0.33
N ASP C 116 -30.92 -4.29 -0.34
CA ASP C 116 -31.07 -3.38 -1.46
C ASP C 116 -30.98 -1.93 -0.99
N ALA C 117 -30.37 -1.09 -1.82
CA ALA C 117 -30.19 0.32 -1.52
C ALA C 117 -30.48 1.14 -2.76
N ALA C 118 -31.28 2.20 -2.60
CA ALA C 118 -31.64 3.07 -3.69
C ALA C 118 -30.51 4.06 -3.99
N PRO C 119 -30.27 4.39 -5.25
CA PRO C 119 -29.19 5.33 -5.57
C PRO C 119 -29.59 6.77 -5.30
N THR C 120 -28.61 7.55 -4.84
CA THR C 120 -28.76 9.00 -4.75
C THR C 120 -28.19 9.60 -6.03
N VAL C 121 -29.01 10.33 -6.78
CA VAL C 121 -28.67 10.79 -8.11
C VAL C 121 -28.44 12.30 -8.08
N SER C 122 -27.35 12.74 -8.70
CA SER C 122 -27.02 14.15 -8.84
C SER C 122 -26.58 14.41 -10.27
N ILE C 123 -26.99 15.55 -10.82
CA ILE C 123 -26.72 15.90 -12.21
C ILE C 123 -25.94 17.21 -12.25
N PHE C 124 -24.94 17.26 -13.12
CA PHE C 124 -24.01 18.38 -13.18
C PHE C 124 -23.92 18.85 -14.63
N PRO C 125 -24.33 20.08 -14.91
CA PRO C 125 -24.18 20.65 -16.27
C PRO C 125 -22.72 20.93 -16.56
N PRO C 126 -22.36 21.20 -17.82
CA PRO C 126 -20.96 21.48 -18.14
C PRO C 126 -20.45 22.70 -17.39
N SER C 127 -19.21 22.61 -16.92
CA SER C 127 -18.57 23.74 -16.29
C SER C 127 -18.33 24.85 -17.30
N SER C 128 -18.13 26.07 -16.80
CA SER C 128 -17.82 27.19 -17.66
C SER C 128 -16.50 26.98 -18.39
N GLU C 129 -15.52 26.40 -17.69
CA GLU C 129 -14.19 26.23 -18.26
C GLU C 129 -14.21 25.24 -19.43
N GLN C 130 -15.05 24.19 -19.34
CA GLN C 130 -15.13 23.25 -20.45
C GLN C 130 -15.86 23.88 -21.64
N LEU C 131 -16.90 24.66 -21.38
CA LEU C 131 -17.61 25.33 -22.46
C LEU C 131 -16.71 26.34 -23.17
N THR C 132 -15.80 26.97 -22.44
CA THR C 132 -14.87 27.92 -23.07
C THR C 132 -14.03 27.25 -24.14
N SER C 133 -13.66 25.98 -23.94
CA SER C 133 -12.81 25.27 -24.90
C SER C 133 -13.60 24.45 -25.92
N GLY C 134 -14.92 24.62 -25.99
CA GLY C 134 -15.71 24.05 -27.05
C GLY C 134 -16.29 22.67 -26.79
N GLY C 135 -16.20 22.16 -25.57
CA GLY C 135 -16.82 20.88 -25.25
C GLY C 135 -17.85 21.04 -24.14
N ALA C 136 -18.75 20.07 -23.98
CA ALA C 136 -19.78 20.18 -22.97
C ALA C 136 -20.11 18.78 -22.44
N SER C 137 -19.76 18.51 -21.18
CA SER C 137 -20.03 17.22 -20.57
C SER C 137 -21.11 17.39 -19.50
N VAL C 138 -22.16 16.58 -19.60
CA VAL C 138 -23.17 16.48 -18.56
C VAL C 138 -22.90 15.21 -17.77
N VAL C 139 -22.81 15.33 -16.45
CA VAL C 139 -22.40 14.21 -15.61
C VAL C 139 -23.53 13.84 -14.66
N CYS C 140 -23.80 12.54 -14.54
CA CYS C 140 -24.78 12.02 -13.62
C CYS C 140 -24.09 11.06 -12.67
N PHE C 141 -24.14 11.36 -11.37
CA PHE C 141 -23.63 10.48 -10.33
C PHE C 141 -24.80 9.75 -9.70
N LEU C 142 -24.70 8.42 -9.64
CA LEU C 142 -25.71 7.55 -9.03
C LEU C 142 -24.99 6.78 -7.94
N ASN C 143 -25.12 7.23 -6.70
CA ASN C 143 -24.23 6.83 -5.62
C ASN C 143 -24.93 5.94 -4.61
N ASN C 144 -24.17 4.96 -4.11
CA ASN C 144 -24.52 4.16 -2.94
C ASN C 144 -25.80 3.36 -3.15
N PHE C 145 -25.78 2.50 -4.16
CA PHE C 145 -26.90 1.63 -4.46
C PHE C 145 -26.47 0.17 -4.45
N TYR C 146 -27.46 -0.71 -4.31
CA TYR C 146 -27.26 -2.15 -4.33
C TYR C 146 -28.58 -2.79 -4.72
N PRO C 147 -28.59 -3.81 -5.59
CA PRO C 147 -27.42 -4.45 -6.22
C PRO C 147 -26.80 -3.64 -7.35
N LYS C 148 -25.85 -4.25 -8.06
CA LYS C 148 -25.00 -3.50 -8.97
C LYS C 148 -25.72 -3.12 -10.25
N ASP C 149 -26.64 -3.96 -10.74
CA ASP C 149 -27.29 -3.69 -12.02
C ASP C 149 -28.14 -2.43 -11.93
N ILE C 150 -27.95 -1.55 -12.91
CA ILE C 150 -28.69 -0.29 -13.00
C ILE C 150 -28.62 0.19 -14.44
N ASN C 151 -29.70 0.80 -14.92
CA ASN C 151 -29.75 1.30 -16.28
C ASN C 151 -29.95 2.81 -16.27
N VAL C 152 -29.15 3.53 -17.06
CA VAL C 152 -29.22 4.98 -17.12
C VAL C 152 -29.64 5.38 -18.53
N LYS C 153 -30.57 6.31 -18.62
CA LYS C 153 -31.04 6.85 -19.88
C LYS C 153 -30.86 8.36 -19.89
N TRP C 154 -30.37 8.89 -21.01
CA TRP C 154 -30.20 10.32 -21.19
C TRP C 154 -31.29 10.83 -22.12
N LYS C 155 -31.96 11.90 -21.70
CA LYS C 155 -33.02 12.53 -22.47
C LYS C 155 -32.66 13.98 -22.73
N ILE C 156 -32.68 14.38 -24.00
CA ILE C 156 -32.49 15.76 -24.40
C ILE C 156 -33.82 16.25 -24.97
N ASP C 157 -34.37 17.30 -24.36
CA ASP C 157 -35.68 17.83 -24.73
C ASP C 157 -36.73 16.73 -24.78
N GLY C 158 -36.62 15.77 -23.85
CA GLY C 158 -37.56 14.69 -23.75
C GLY C 158 -37.39 13.57 -24.76
N SER C 159 -36.27 13.52 -25.47
CA SER C 159 -36.01 12.48 -26.45
C SER C 159 -34.74 11.74 -26.08
N GLU C 160 -34.81 10.41 -26.12
CA GLU C 160 -33.67 9.58 -25.69
C GLU C 160 -32.49 9.73 -26.64
N ARG C 161 -31.30 9.91 -26.07
CA ARG C 161 -30.07 9.99 -26.85
C ARG C 161 -29.14 8.85 -26.44
N GLN C 162 -28.46 8.29 -27.44
CA GLN C 162 -27.61 7.12 -27.25
C GLN C 162 -26.13 7.42 -27.38
N ASN C 163 -25.72 8.13 -28.42
CA ASN C 163 -24.31 8.38 -28.68
C ASN C 163 -23.76 9.42 -27.72
N GLY C 164 -22.49 9.22 -27.35
CA GLY C 164 -21.81 10.14 -26.46
C GLY C 164 -21.91 9.83 -24.98
N VAL C 165 -22.44 8.66 -24.62
CA VAL C 165 -22.63 8.29 -23.23
C VAL C 165 -21.55 7.30 -22.82
N LEU C 166 -20.88 7.58 -21.70
CA LEU C 166 -19.83 6.72 -21.16
C LEU C 166 -20.13 6.47 -19.69
N ASN C 167 -20.17 5.20 -19.30
CA ASN C 167 -20.51 4.81 -17.95
C ASN C 167 -19.34 4.13 -17.26
N SER C 168 -19.29 4.26 -15.94
CA SER C 168 -18.25 3.61 -15.16
C SER C 168 -18.76 3.31 -13.75
N TRP C 169 -18.64 2.05 -13.34
CA TRP C 169 -19.01 1.61 -12.00
C TRP C 169 -17.78 1.59 -11.10
N THR C 170 -17.98 1.94 -9.84
CA THR C 170 -16.92 1.76 -8.86
C THR C 170 -16.80 0.29 -8.47
N ASP C 171 -15.74 -0.02 -7.73
CA ASP C 171 -15.73 -1.25 -6.96
C ASP C 171 -16.75 -1.14 -5.84
N GLN C 172 -17.04 -2.28 -5.20
CA GLN C 172 -17.94 -2.25 -4.06
C GLN C 172 -17.34 -1.40 -2.94
N ASP C 173 -18.19 -0.66 -2.25
CA ASP C 173 -17.72 0.17 -1.15
C ASP C 173 -17.28 -0.69 0.02
N SER C 174 -16.16 -0.31 0.64
CA SER C 174 -15.56 -1.14 1.68
C SER C 174 -16.23 -0.96 3.05
N LYS C 175 -17.15 -0.01 3.19
CA LYS C 175 -17.80 0.23 4.47
C LYS C 175 -19.28 -0.15 4.48
N ASP C 176 -20.05 0.25 3.47
CA ASP C 176 -21.46 -0.10 3.40
C ASP C 176 -21.78 -1.05 2.26
N SER C 177 -20.77 -1.50 1.50
CA SER C 177 -20.92 -2.56 0.50
C SER C 177 -21.86 -2.15 -0.65
N THR C 178 -21.92 -0.87 -0.96
CA THR C 178 -22.73 -0.38 -2.05
C THR C 178 -21.88 -0.13 -3.29
N TYR C 179 -22.57 0.12 -4.40
CA TYR C 179 -21.94 0.49 -5.65
C TYR C 179 -22.29 1.92 -6.01
N SER C 180 -21.44 2.54 -6.80
CA SER C 180 -21.71 3.84 -7.38
C SER C 180 -21.37 3.81 -8.86
N MET C 181 -22.04 4.64 -9.63
CA MET C 181 -21.88 4.64 -11.07
C MET C 181 -21.93 6.08 -11.59
N SER C 182 -21.14 6.37 -12.61
CA SER C 182 -21.11 7.69 -13.22
C SER C 182 -21.38 7.56 -14.70
N SER C 183 -22.27 8.43 -15.21
CA SER C 183 -22.66 8.46 -16.61
C SER C 183 -22.38 9.86 -17.16
N THR C 184 -21.54 9.93 -18.19
CA THR C 184 -21.15 11.21 -18.78
C THR C 184 -21.63 11.25 -20.22
N LEU C 185 -22.41 12.27 -20.57
CA LEU C 185 -22.84 12.53 -21.93
C LEU C 185 -22.08 13.75 -22.43
N THR C 186 -21.25 13.56 -23.47
CA THR C 186 -20.38 14.62 -23.97
C THR C 186 -20.85 15.07 -25.35
N LEU C 187 -21.01 16.38 -25.49
CA LEU C 187 -21.45 17.03 -26.72
C LEU C 187 -20.45 18.11 -27.10
N THR C 188 -20.61 18.63 -28.32
CA THR C 188 -19.99 19.91 -28.65
C THR C 188 -20.69 21.01 -27.86
N LYS C 189 -20.01 22.16 -27.77
CA LYS C 189 -20.64 23.32 -27.15
C LYS C 189 -21.87 23.75 -27.93
N ASP C 190 -21.81 23.67 -29.26
CA ASP C 190 -22.93 24.10 -30.09
C ASP C 190 -24.12 23.16 -29.96
N GLU C 191 -23.87 21.84 -30.06
CA GLU C 191 -24.94 20.88 -29.80
C GLU C 191 -25.59 21.13 -28.45
N TYR C 192 -24.76 21.36 -27.43
CA TYR C 192 -25.29 21.56 -26.08
C TYR C 192 -26.17 22.81 -26.02
N GLU C 193 -25.72 23.90 -26.62
CA GLU C 193 -26.46 25.15 -26.57
C GLU C 193 -27.67 25.18 -27.50
N ARG C 194 -27.80 24.20 -28.40
CA ARG C 194 -28.97 24.11 -29.26
C ARG C 194 -30.14 23.38 -28.61
N HIS C 195 -30.02 22.99 -27.35
CA HIS C 195 -31.09 22.32 -26.61
C HIS C 195 -31.21 22.94 -25.22
N ASN C 196 -32.28 22.57 -24.52
CA ASN C 196 -32.61 23.23 -23.26
C ASN C 196 -32.67 22.26 -22.08
N SER C 197 -33.43 21.17 -22.18
CA SER C 197 -33.69 20.30 -21.06
C SER C 197 -32.83 19.05 -21.15
N TYR C 198 -32.08 18.77 -20.09
CA TYR C 198 -31.18 17.63 -20.03
C TYR C 198 -31.57 16.78 -18.81
N THR C 199 -31.87 15.50 -19.06
CA THR C 199 -32.44 14.62 -18.05
C THR C 199 -31.65 13.33 -18.00
N CYS C 200 -31.45 12.84 -16.79
CA CYS C 200 -30.77 11.57 -16.53
C CYS C 200 -31.71 10.73 -15.67
N GLU C 201 -32.10 9.56 -16.20
CA GLU C 201 -33.10 8.71 -15.58
C GLU C 201 -32.48 7.37 -15.20
N ALA C 202 -32.67 6.97 -13.95
CA ALA C 202 -32.11 5.73 -13.44
C ALA C 202 -33.23 4.71 -13.23
N THR C 203 -33.03 3.52 -13.79
CA THR C 203 -33.86 2.35 -13.54
C THR C 203 -33.09 1.36 -12.68
N HIS C 204 -33.68 1.04 -11.52
CA HIS C 204 -33.07 0.16 -10.54
C HIS C 204 -34.18 -0.63 -9.87
N LYS C 205 -33.90 -1.89 -9.52
CA LYS C 205 -34.91 -2.74 -8.88
C LYS C 205 -35.37 -2.17 -7.54
N THR C 206 -34.72 -1.12 -7.04
CA THR C 206 -35.10 -0.47 -5.79
C THR C 206 -36.39 0.33 -5.90
N SER C 207 -36.94 0.48 -7.10
CA SER C 207 -38.19 1.20 -7.29
C SER C 207 -38.76 0.82 -8.66
N THR C 208 -40.08 0.88 -8.77
CA THR C 208 -40.73 0.54 -10.03
C THR C 208 -40.78 1.69 -11.01
N SER C 209 -40.54 2.92 -10.55
CA SER C 209 -40.47 4.08 -11.42
C SER C 209 -39.07 4.68 -11.41
N PRO C 210 -38.58 5.16 -12.55
CA PRO C 210 -37.20 5.63 -12.61
C PRO C 210 -36.99 6.89 -11.79
N ILE C 211 -35.83 6.98 -11.15
CA ILE C 211 -35.43 8.20 -10.45
C ILE C 211 -34.91 9.18 -11.49
N VAL C 212 -35.52 10.36 -11.55
CA VAL C 212 -35.29 11.32 -12.61
C VAL C 212 -34.57 12.54 -12.04
N LYS C 213 -33.48 12.94 -12.69
CA LYS C 213 -32.76 14.16 -12.32
C LYS C 213 -32.54 14.98 -13.58
N SER C 214 -33.08 16.19 -13.61
CA SER C 214 -33.07 16.98 -14.83
C SER C 214 -32.70 18.43 -14.51
N PHE C 215 -32.30 19.15 -15.56
CA PHE C 215 -32.05 20.58 -15.45
C PHE C 215 -32.29 21.24 -16.80
N ASN C 216 -32.74 22.49 -16.75
CA ASN C 216 -32.91 23.32 -17.94
C ASN C 216 -31.83 24.39 -17.95
N ARG C 217 -31.27 24.65 -19.14
CA ARG C 217 -30.29 25.72 -19.30
C ARG C 217 -30.89 27.10 -19.09
N ASN C 218 -32.21 27.21 -19.03
CA ASN C 218 -32.91 28.51 -18.96
C ASN C 218 -32.56 29.38 -20.16
C1 NAG D . 21.86 5.79 36.51
C2 NAG D . 21.19 6.39 37.74
C3 NAG D . 22.23 6.84 38.75
C4 NAG D . 23.21 5.71 39.06
C5 NAG D . 23.77 5.12 37.76
C6 NAG D . 24.63 3.91 38.00
C7 NAG D . 19.01 7.40 37.20
C8 NAG D . 18.28 8.64 36.81
N2 NAG D . 20.34 7.51 37.36
O3 NAG D . 21.59 7.26 39.95
O4 NAG D . 24.29 6.21 39.85
O5 NAG D . 22.69 4.71 36.92
O6 NAG D . 26.01 4.19 37.72
O7 NAG D . 18.42 6.33 37.37
C1 NAG D . 24.29 5.61 41.15
C2 NAG D . 25.45 6.20 41.95
C3 NAG D . 25.47 5.64 43.38
C4 NAG D . 24.11 5.84 44.05
C5 NAG D . 23.00 5.25 43.16
C6 NAG D . 21.62 5.51 43.71
C7 NAG D . 27.24 4.77 41.03
C8 NAG D . 28.57 4.76 40.34
N2 NAG D . 26.73 5.98 41.30
O3 NAG D . 26.48 6.31 44.14
O4 NAG D . 24.10 5.20 45.31
O5 NAG D . 23.06 5.85 41.86
O6 NAG D . 21.28 6.89 43.64
O7 NAG D . 26.66 3.73 41.33
#